data_3U0K
#
_entry.id   3U0K
#
_cell.length_a   75.918
_cell.length_b   75.918
_cell.length_c   123.161
_cell.angle_alpha   90.00
_cell.angle_beta   90.00
_cell.angle_gamma   120.00
#
_symmetry.space_group_name_H-M   'P 32 2 1'
#
loop_
_entity.id
_entity.type
_entity.pdbx_description
1 polymer RCaMP
2 polymer RCaMP
3 non-polymer 'ACETATE ION'
4 non-polymer 'CALCIUM ION'
5 water water
#
loop_
_entity_poly.entity_id
_entity_poly.type
_entity_poly.pdbx_seq_one_letter_code
_entity_poly.pdbx_strand_id
1 'polypeptide(L)'
;MGSHHHHHHGMASMTGGQQMGRDLYDDDDKDLATMVDSSRRKWNKTGHAVRAIGRLSSAINTEMMYPADGGLRGYTHMAL
KVDGGGHLSCSFVTTYRSKKTVGNIKMPGIHYVSHRLERLEESDNEMFVVQREHAVAKFVGLGGGGGTGGSMNSLIKENM
RMKVVLEGSVNGHQFKCTGEGEGNPYMGTQTMRIKVIEGGPLPFAFDILATS(NFA)
;
B
2 'polypeptide(L)'
;(CRK)SRTFIKYPKGIPDFFKQSFPEGFTWERVTRYEDGGVITVMQDTSLEDGCLVYHAQVRGVNFPSNGAVMQKKTKGW
EPTRDQLTEEQIAEFKEAFSLFDKDGDGTITTKELGTVMRSLGQNPTEAELQDMINEVDADGDGTIDFPEFLIMMARKMK
DTDSEEEIREAFRVFDKDGNGYISAAELRHVMTNLGEKLTDEEVDEMIREADIDGDGQVNYEEFVQMMTAK
;
A
#
# COMPACT_ATOMS: atom_id res chain seq x y z
N MET A 35 -27.34 -3.28 5.96
CA MET A 35 -26.66 -2.58 7.03
C MET A 35 -26.15 -3.66 7.92
N VAL A 36 -24.89 -3.56 8.32
CA VAL A 36 -24.34 -4.54 9.23
C VAL A 36 -24.76 -4.22 10.67
N ASP A 37 -25.09 -5.28 11.37
CA ASP A 37 -25.68 -5.18 12.66
C ASP A 37 -24.64 -4.50 13.56
N SER A 38 -25.13 -3.66 14.45
CA SER A 38 -24.26 -2.87 15.30
C SER A 38 -23.27 -3.72 16.16
N SER A 39 -23.80 -4.70 16.87
CA SER A 39 -23.02 -5.53 17.75
C SER A 39 -21.92 -6.30 17.00
N ARG A 40 -22.25 -6.77 15.80
CA ARG A 40 -21.27 -7.48 15.02
C ARG A 40 -20.14 -6.57 14.57
N ARG A 41 -20.47 -5.37 14.14
CA ARG A 41 -19.44 -4.33 13.83
C ARG A 41 -18.50 -4.19 15.04
N LYS A 42 -19.03 -4.17 16.26
CA LYS A 42 -18.09 -4.05 17.39
C LYS A 42 -17.11 -5.25 17.52
N TRP A 43 -17.63 -6.47 17.43
CA TRP A 43 -16.76 -7.59 17.49
C TRP A 43 -15.77 -7.57 16.35
N ASN A 44 -16.22 -7.22 15.15
CA ASN A 44 -15.32 -7.18 13.99
C ASN A 44 -14.17 -6.20 14.31
N LYS A 45 -14.51 -5.01 14.81
CA LYS A 45 -13.46 -4.03 14.98
C LYS A 45 -12.53 -4.40 16.12
N THR A 46 -13.07 -5.08 17.12
CA THR A 46 -12.25 -5.60 18.22
C THR A 46 -11.30 -6.67 17.68
N GLY A 47 -11.82 -7.55 16.83
CA GLY A 47 -11.01 -8.55 16.14
C GLY A 47 -9.88 -7.94 15.29
N HIS A 48 -10.21 -6.89 14.53
CA HIS A 48 -9.18 -6.13 13.82
C HIS A 48 -8.08 -5.54 14.71
N ALA A 49 -8.45 -4.99 15.89
CA ALA A 49 -7.49 -4.34 16.78
C ALA A 49 -6.55 -5.40 17.31
N VAL A 50 -7.10 -6.57 17.67
CA VAL A 50 -6.25 -7.70 18.08
C VAL A 50 -5.29 -8.12 16.96
N ARG A 51 -5.77 -8.20 15.71
CA ARG A 51 -4.93 -8.58 14.58
C ARG A 51 -3.79 -7.55 14.30
N ALA A 52 -4.16 -6.26 14.36
CA ALA A 52 -3.28 -5.12 14.10
C ALA A 52 -2.10 -5.05 15.03
N ILE A 53 -2.25 -5.51 16.25
CA ILE A 53 -1.15 -5.47 17.18
C ILE A 53 -0.34 -6.77 17.19
N GLY A 54 -0.82 -7.77 16.45
CA GLY A 54 -0.16 -9.05 16.38
C GLY A 54 1.00 -8.97 15.43
N ARG A 55 1.83 -10.00 15.46
CA ARG A 55 3.05 -10.01 14.69
C ARG A 55 2.70 -10.63 13.37
N LEU A 56 3.70 -11.21 12.70
CA LEU A 56 3.47 -12.19 11.65
C LEU A 56 2.65 -11.55 10.53
N SER A 57 3.35 -10.83 9.66
CA SER A 57 2.78 -10.10 8.54
C SER A 57 2.97 -10.94 7.26
N SER A 58 1.95 -11.06 6.41
CA SER A 58 2.15 -11.68 5.07
C SER A 58 2.89 -10.71 4.13
N ALA A 59 3.28 -11.21 2.98
CA ALA A 59 3.58 -10.35 1.85
C ALA A 59 2.23 -10.10 1.14
N ILE A 60 2.08 -8.95 0.52
CA ILE A 60 0.85 -8.62 -0.21
C ILE A 60 1.27 -7.95 -1.51
N ASN A 61 0.38 -7.96 -2.50
CA ASN A 61 0.69 -7.30 -3.79
C ASN A 61 -0.39 -6.28 -4.14
N THR A 62 -0.12 -5.01 -3.87
CA THR A 62 -1.18 -3.98 -3.84
C THR A 62 -0.60 -2.62 -4.15
N GLU A 63 -1.42 -1.74 -4.69
CA GLU A 63 -1.05 -0.33 -4.84
C GLU A 63 -2.28 0.50 -4.48
N MET A 64 -2.12 1.28 -3.43
CA MET A 64 -3.18 2.13 -2.89
CA MET A 64 -3.17 2.12 -2.89
C MET A 64 -2.79 3.57 -3.13
N MET A 65 -3.72 4.34 -3.69
CA MET A 65 -3.50 5.76 -3.91
C MET A 65 -4.32 6.52 -2.84
N TYR A 66 -3.77 7.61 -2.29
CA TYR A 66 -4.41 8.41 -1.24
C TYR A 66 -3.94 9.93 -1.43
N PRO A 67 -4.87 10.88 -1.54
CA PRO A 67 -4.51 12.29 -1.65
C PRO A 67 -3.75 12.69 -0.41
N ALA A 68 -2.68 13.43 -0.59
CA ALA A 68 -2.11 14.18 0.52
C ALA A 68 -1.63 15.55 -0.05
N ASP A 69 -2.15 16.68 0.46
CA ASP A 69 -1.83 18.13 0.05
C ASP A 69 -2.80 18.85 -0.91
N GLY A 70 -3.06 18.20 -2.03
CA GLY A 70 -3.05 18.80 -3.36
C GLY A 70 -2.16 17.89 -4.24
N GLY A 71 -1.43 16.94 -3.59
CA GLY A 71 -0.60 15.92 -4.22
C GLY A 71 -1.17 14.50 -4.04
N LEU A 72 -0.65 13.53 -4.81
CA LEU A 72 -1.27 12.21 -4.75
C LEU A 72 -0.20 11.26 -4.30
N ARG A 73 -0.50 10.50 -3.25
CA ARG A 73 0.47 9.59 -2.74
C ARG A 73 0.08 8.15 -3.14
N GLY A 74 1.10 7.33 -3.45
CA GLY A 74 0.90 5.93 -3.66
C GLY A 74 1.74 5.08 -2.72
N TYR A 75 1.12 3.98 -2.21
CA TYR A 75 1.74 2.95 -1.36
C TYR A 75 1.65 1.63 -2.13
N THR A 76 2.78 1.02 -2.50
CA THR A 76 2.83 -0.15 -3.43
C THR A 76 3.71 -1.24 -2.74
N HIS A 77 3.19 -2.49 -2.72
CA HIS A 77 3.88 -3.69 -2.24
C HIS A 77 3.91 -4.64 -3.37
N MET A 78 5.13 -5.01 -3.77
CA MET A 78 5.36 -5.90 -4.91
C MET A 78 6.28 -7.04 -4.47
N ALA A 79 6.33 -8.06 -5.31
CA ALA A 79 7.04 -9.31 -5.03
C ALA A 79 7.91 -9.62 -6.26
N LEU A 80 9.21 -9.62 -6.09
CA LEU A 80 10.12 -9.91 -7.19
C LEU A 80 10.49 -11.38 -7.18
N LYS A 81 10.13 -12.11 -8.20
CA LYS A 81 10.45 -13.53 -8.31
C LYS A 81 11.94 -13.81 -8.32
N VAL A 82 12.39 -14.81 -7.59
CA VAL A 82 13.80 -15.17 -7.54
C VAL A 82 13.98 -16.63 -7.97
N ASP A 83 15.11 -16.96 -8.57
CA ASP A 83 15.42 -18.38 -8.91
C ASP A 83 15.18 -19.28 -7.72
N GLY A 84 14.55 -20.43 -8.01
CA GLY A 84 14.22 -21.39 -6.96
C GLY A 84 12.80 -21.18 -6.45
N GLY A 85 12.15 -20.10 -6.91
CA GLY A 85 10.73 -19.89 -6.70
C GLY A 85 10.35 -19.04 -5.48
N GLY A 86 11.30 -18.54 -4.71
CA GLY A 86 10.91 -17.57 -3.67
C GLY A 86 10.62 -16.19 -4.27
N HIS A 87 10.34 -15.24 -3.40
CA HIS A 87 10.25 -13.83 -3.79
C HIS A 87 11.05 -12.98 -2.84
N LEU A 88 11.48 -11.82 -3.36
CA LEU A 88 11.94 -10.74 -2.50
C LEU A 88 10.81 -9.74 -2.40
N SER A 89 10.35 -9.50 -1.21
CA SER A 89 9.25 -8.62 -1.05
C SER A 89 9.86 -7.15 -1.12
N CYS A 90 9.17 -6.26 -1.78
CA CYS A 90 9.55 -4.86 -1.70
C CYS A 90 8.36 -3.92 -1.57
N SER A 91 8.57 -2.80 -0.92
CA SER A 91 7.52 -1.75 -0.88
C SER A 91 8.10 -0.37 -1.18
N PHE A 92 7.23 0.47 -1.72
CA PHE A 92 7.55 1.84 -1.94
C PHE A 92 6.43 2.80 -1.73
N VAL A 93 6.82 4.02 -1.32
CA VAL A 93 5.97 5.14 -1.17
C VAL A 93 6.36 6.19 -2.25
N THR A 94 5.38 6.73 -2.96
CA THR A 94 5.59 7.69 -4.03
C THR A 94 4.68 8.90 -3.78
N THR A 95 5.22 10.10 -3.97
CA THR A 95 4.37 11.30 -3.98
C THR A 95 4.40 11.83 -5.40
N TYR A 96 3.24 11.94 -6.00
CA TYR A 96 3.04 12.48 -7.32
C TYR A 96 2.62 13.93 -7.18
N ARG A 97 3.26 14.82 -7.92
CA ARG A 97 2.93 16.28 -7.87
C ARG A 97 2.66 16.84 -9.26
N SER A 98 1.57 17.57 -9.41
CA SER A 98 1.24 18.18 -10.68
C SER A 98 2.12 19.39 -10.96
N LYS A 99 2.49 19.59 -12.22
CA LYS A 99 3.14 20.77 -12.61
C LYS A 99 2.16 21.86 -13.07
N LYS A 100 0.86 21.60 -13.03
CA LYS A 100 -0.15 22.64 -13.41
C LYS A 100 -0.33 23.54 -12.20
N THR A 101 0.04 24.78 -12.29
CA THR A 101 0.02 25.60 -11.11
C THR A 101 -1.24 26.46 -11.07
N VAL A 102 -1.95 26.57 -12.19
CA VAL A 102 -3.23 27.31 -12.25
C VAL A 102 -4.26 26.48 -13.02
N GLY A 103 -5.46 26.40 -12.45
CA GLY A 103 -6.51 25.52 -12.94
C GLY A 103 -6.88 24.62 -11.79
N ASN A 104 -8.17 24.32 -11.67
CA ASN A 104 -8.65 23.34 -10.71
C ASN A 104 -8.48 21.92 -11.31
N ILE A 105 -7.64 21.11 -10.67
CA ILE A 105 -7.54 19.66 -10.92
C ILE A 105 -8.48 18.96 -9.90
N LYS A 106 -9.41 18.12 -10.32
CA LYS A 106 -10.20 17.35 -9.38
C LYS A 106 -9.35 16.25 -8.73
N MET A 107 -9.31 16.24 -7.41
CA MET A 107 -8.48 15.29 -6.70
C MET A 107 -9.25 14.00 -6.44
N PRO A 108 -8.67 12.86 -6.79
CA PRO A 108 -9.34 11.62 -6.31
C PRO A 108 -9.22 11.39 -4.77
N GLY A 109 -10.14 10.62 -4.21
CA GLY A 109 -9.88 9.99 -2.89
C GLY A 109 -9.10 8.67 -3.00
N ILE A 110 -9.24 7.83 -1.99
CA ILE A 110 -8.55 6.56 -1.91
C ILE A 110 -9.06 5.64 -3.02
N HIS A 111 -8.14 4.96 -3.69
CA HIS A 111 -8.47 3.97 -4.70
C HIS A 111 -7.25 3.07 -4.85
N TYR A 112 -7.41 1.97 -5.57
CA TYR A 112 -6.31 1.08 -5.83
C TYR A 112 -6.02 1.06 -7.32
N VAL A 113 -4.88 0.49 -7.71
CA VAL A 113 -4.62 0.26 -9.11
C VAL A 113 -4.14 -1.20 -9.23
N SER A 114 -4.70 -1.97 -10.19
CA SER A 114 -4.20 -3.34 -10.51
C SER A 114 -3.25 -3.21 -11.64
N HIS A 115 -2.13 -3.88 -11.53
CA HIS A 115 -1.15 -3.83 -12.58
C HIS A 115 -0.69 -5.25 -12.94
N ARG A 116 -0.30 -5.43 -14.19
CA ARG A 116 0.51 -6.59 -14.58
CA ARG A 116 0.51 -6.58 -14.58
C ARG A 116 1.65 -6.12 -15.48
N LEU A 117 2.88 -6.19 -14.98
CA LEU A 117 4.03 -5.73 -15.82
C LEU A 117 4.83 -6.99 -16.17
N GLU A 118 5.04 -7.21 -17.45
CA GLU A 118 5.69 -8.40 -17.95
C GLU A 118 6.79 -8.03 -18.91
N ARG A 119 7.92 -8.69 -18.73
CA ARG A 119 9.01 -8.54 -19.64
C ARG A 119 8.73 -9.41 -20.85
N LEU A 120 8.81 -8.86 -22.07
CA LEU A 120 8.57 -9.59 -23.32
C LEU A 120 9.82 -10.12 -24.03
N GLU A 121 10.93 -9.40 -23.95
CA GLU A 121 12.19 -9.81 -24.56
C GLU A 121 13.35 -9.20 -23.81
N GLU A 122 14.48 -9.86 -23.92
CA GLU A 122 15.73 -9.31 -23.54
C GLU A 122 16.84 -9.90 -24.41
N SER A 123 17.86 -9.09 -24.61
CA SER A 123 19.06 -9.53 -25.28
C SER A 123 19.94 -10.05 -24.19
N ASP A 124 21.24 -10.10 -24.52
CA ASP A 124 22.19 -10.71 -23.64
C ASP A 124 22.80 -9.66 -22.68
N ASN A 125 22.67 -10.11 -21.45
CA ASN A 125 23.20 -9.53 -20.29
C ASN A 125 22.31 -8.39 -20.00
N GLU A 126 21.07 -8.42 -20.53
CA GLU A 126 20.00 -7.43 -20.27
C GLU A 126 20.34 -5.99 -20.72
N MET A 127 21.07 -5.84 -21.80
CA MET A 127 21.40 -4.53 -22.34
C MET A 127 20.25 -3.99 -23.14
N PHE A 128 19.36 -4.88 -23.58
CA PHE A 128 18.15 -4.48 -24.29
C PHE A 128 16.96 -5.23 -23.66
N VAL A 129 15.91 -4.48 -23.31
CA VAL A 129 14.73 -4.98 -22.63
C VAL A 129 13.44 -4.43 -23.24
N VAL A 130 12.49 -5.30 -23.48
CA VAL A 130 11.16 -4.91 -23.88
C VAL A 130 10.19 -5.35 -22.77
N GLN A 131 9.45 -4.38 -22.22
CA GLN A 131 8.46 -4.64 -21.18
C GLN A 131 7.09 -4.01 -21.50
N ARG A 132 6.01 -4.66 -21.06
CA ARG A 132 4.66 -4.10 -21.20
C ARG A 132 3.93 -4.15 -19.88
N GLU A 133 2.94 -3.26 -19.73
CA GLU A 133 2.17 -3.16 -18.50
C GLU A 133 0.70 -2.92 -18.88
N HIS A 134 -0.16 -3.48 -18.06
CA HIS A 134 -1.60 -3.28 -18.14
C HIS A 134 -1.96 -2.81 -16.76
N ALA A 135 -2.60 -1.65 -16.64
CA ALA A 135 -2.98 -1.08 -15.39
C ALA A 135 -4.38 -0.42 -15.41
N VAL A 136 -5.15 -0.71 -14.36
CA VAL A 136 -6.54 -0.25 -14.18
C VAL A 136 -6.76 0.20 -12.74
N ALA A 137 -7.29 1.41 -12.59
CA ALA A 137 -7.66 1.90 -11.24
C ALA A 137 -8.99 1.32 -10.88
N LYS A 138 -9.15 1.14 -9.59
CA LYS A 138 -10.22 0.36 -9.00
C LYS A 138 -10.92 1.20 -7.97
N PHE A 139 -12.24 1.28 -8.11
CA PHE A 139 -13.09 2.05 -7.24
C PHE A 139 -13.37 1.25 -5.94
N VAL A 140 -13.13 1.89 -4.80
CA VAL A 140 -13.42 1.29 -3.50
C VAL A 140 -14.17 2.25 -2.59
N GLY A 141 -14.99 3.12 -3.20
CA GLY A 141 -15.85 3.99 -2.43
C GLY A 141 -15.72 5.44 -2.79
N LEU A 142 -16.82 6.21 -2.59
CA LEU A 142 -16.84 7.65 -2.88
C LEU A 142 -15.75 8.29 -2.04
N GLY A 143 -14.92 9.11 -2.70
CA GLY A 143 -13.78 9.75 -2.05
C GLY A 143 -13.56 11.14 -2.61
N GLY A 144 -12.63 11.89 -1.99
CA GLY A 144 -12.10 13.12 -2.56
C GLY A 144 -13.04 13.69 -3.58
N GLY A 145 -12.65 13.70 -4.86
CA GLY A 145 -13.38 14.44 -5.91
C GLY A 145 -14.74 13.91 -6.34
N GLY A 146 -15.58 13.58 -5.34
CA GLY A 146 -17.00 13.24 -5.55
C GLY A 146 -17.29 11.79 -5.92
N GLY A 147 -16.71 11.35 -7.05
CA GLY A 147 -17.24 10.23 -7.84
C GLY A 147 -17.73 10.73 -9.19
N THR A 148 -17.36 11.98 -9.50
CA THR A 148 -17.33 12.51 -10.86
C THR A 148 -15.86 12.67 -11.19
N GLY A 149 -15.52 12.29 -12.43
CA GLY A 149 -14.18 12.43 -12.94
C GLY A 149 -13.88 13.88 -13.21
N GLY A 150 -12.58 14.19 -13.20
CA GLY A 150 -12.05 15.50 -13.49
C GLY A 150 -12.59 16.18 -14.73
N SER A 151 -12.17 15.69 -15.89
CA SER A 151 -12.34 16.39 -17.18
C SER A 151 -11.41 15.72 -18.18
N MET A 152 -11.97 15.27 -19.31
CA MET A 152 -11.16 14.60 -20.35
C MET A 152 -10.18 15.61 -20.95
N ASN A 153 -8.94 15.17 -21.14
CA ASN A 153 -7.88 16.03 -21.61
C ASN A 153 -7.55 15.71 -23.06
N SER A 154 -7.97 16.60 -23.95
CA SER A 154 -7.79 16.44 -25.38
C SER A 154 -6.33 16.34 -25.80
N LEU A 155 -5.36 16.71 -24.96
CA LEU A 155 -3.95 16.46 -25.25
C LEU A 155 -3.53 14.96 -25.15
N ILE A 156 -4.25 14.16 -24.37
CA ILE A 156 -3.90 12.73 -24.26
C ILE A 156 -4.82 12.01 -25.23
N LYS A 157 -4.26 11.57 -26.35
CA LYS A 157 -5.03 10.86 -27.39
C LYS A 157 -5.10 9.32 -27.13
N GLU A 158 -5.79 8.61 -28.01
CA GLU A 158 -6.01 7.20 -27.83
C GLU A 158 -4.73 6.39 -27.99
N ASN A 159 -3.80 6.86 -28.80
CA ASN A 159 -2.44 6.32 -28.83
C ASN A 159 -1.49 7.43 -28.54
N MET A 160 -0.46 7.14 -27.75
CA MET A 160 0.57 8.16 -27.43
C MET A 160 1.89 7.42 -27.43
N ARG A 161 2.92 8.05 -27.97
CA ARG A 161 4.31 7.58 -27.77
C ARG A 161 4.96 8.17 -26.53
N MET A 162 6.00 7.49 -26.06
CA MET A 162 6.88 8.02 -25.03
CA MET A 162 6.89 8.02 -25.03
C MET A 162 8.35 7.79 -25.36
N LYS A 163 9.20 8.66 -24.80
CA LYS A 163 10.65 8.49 -24.83
C LYS A 163 11.13 8.69 -23.42
N VAL A 164 12.17 7.96 -23.04
CA VAL A 164 12.66 7.95 -21.65
CA VAL A 164 12.66 7.96 -21.66
C VAL A 164 14.17 8.00 -21.58
N VAL A 165 14.66 8.68 -20.56
CA VAL A 165 16.03 8.64 -20.18
C VAL A 165 15.93 8.31 -18.65
N LEU A 166 16.69 7.34 -18.20
CA LEU A 166 16.86 7.00 -16.80
C LEU A 166 18.33 6.86 -16.47
N GLU A 167 18.83 7.46 -15.38
CA GLU A 167 20.22 7.28 -15.00
C GLU A 167 20.36 7.22 -13.52
N GLY A 168 21.54 6.75 -13.10
CA GLY A 168 21.83 6.70 -11.68
C GLY A 168 22.87 5.71 -11.34
N SER A 169 22.74 5.17 -10.13
CA SER A 169 23.64 4.14 -9.67
C SER A 169 22.92 3.22 -8.70
N VAL A 170 23.45 2.00 -8.61
CA VAL A 170 23.06 0.99 -7.67
C VAL A 170 24.33 0.40 -7.06
N ASN A 171 24.46 0.49 -5.72
CA ASN A 171 25.64 0.01 -4.98
C ASN A 171 26.91 0.65 -5.49
N GLY A 172 26.75 1.90 -5.93
CA GLY A 172 27.83 2.71 -6.49
C GLY A 172 28.09 2.49 -7.96
N HIS A 173 27.45 1.55 -8.64
CA HIS A 173 27.73 1.35 -10.08
C HIS A 173 26.90 2.32 -10.90
N GLN A 174 27.55 3.21 -11.63
CA GLN A 174 26.81 4.24 -12.41
C GLN A 174 26.36 3.67 -13.75
N PHE A 175 25.21 4.15 -14.25
CA PHE A 175 24.68 3.74 -15.53
C PHE A 175 23.63 4.73 -16.06
N LYS A 176 23.31 4.60 -17.33
CA LYS A 176 22.31 5.39 -18.03
C LYS A 176 21.57 4.48 -19.07
N CYS A 177 20.24 4.52 -19.11
CA CYS A 177 19.38 3.87 -20.11
C CYS A 177 18.55 4.91 -20.84
N THR A 178 18.23 4.59 -22.10
CA THR A 178 17.25 5.35 -22.82
C THR A 178 16.30 4.33 -23.38
N GLY A 179 15.10 4.77 -23.72
CA GLY A 179 14.17 3.89 -24.43
C GLY A 179 13.09 4.69 -25.12
N GLU A 180 12.22 3.96 -25.80
CA GLU A 180 11.03 4.46 -26.44
C GLU A 180 9.89 3.45 -26.39
N GLY A 181 8.67 3.94 -26.54
CA GLY A 181 7.54 3.03 -26.61
C GLY A 181 6.26 3.73 -26.98
N GLU A 182 5.16 3.05 -26.71
CA GLU A 182 3.84 3.56 -27.00
C GLU A 182 2.75 2.81 -26.28
N GLY A 183 1.55 3.41 -26.32
CA GLY A 183 0.42 2.76 -25.78
C GLY A 183 -0.90 3.49 -25.90
N ASN A 184 -1.88 2.93 -25.21
CA ASN A 184 -3.24 3.37 -25.27
C ASN A 184 -3.64 3.83 -23.89
N PRO A 185 -3.52 5.15 -23.64
CA PRO A 185 -3.61 5.63 -22.25
C PRO A 185 -4.97 5.37 -21.63
N TYR A 186 -6.04 5.35 -22.42
CA TYR A 186 -7.40 5.14 -21.92
C TYR A 186 -7.73 3.64 -21.67
N MET A 187 -6.91 2.73 -22.18
CA MET A 187 -7.06 1.30 -21.94
C MET A 187 -6.07 0.74 -20.92
N GLY A 188 -5.13 1.56 -20.51
CA GLY A 188 -4.14 1.17 -19.56
C GLY A 188 -3.04 0.27 -20.09
N THR A 189 -2.76 0.30 -21.38
CA THR A 189 -1.76 -0.59 -21.95
C THR A 189 -0.61 0.18 -22.58
N GLN A 190 0.59 -0.35 -22.43
CA GLN A 190 1.78 0.29 -22.95
C GLN A 190 2.92 -0.73 -23.08
N THR A 191 3.85 -0.40 -24.00
CA THR A 191 5.09 -1.17 -24.23
C THR A 191 6.29 -0.23 -24.34
N MET A 192 7.39 -0.63 -23.71
CA MET A 192 8.64 0.12 -23.68
CA MET A 192 8.60 0.11 -23.81
C MET A 192 9.81 -0.75 -24.13
N ARG A 193 10.64 -0.25 -25.07
CA ARG A 193 11.88 -0.85 -25.46
C ARG A 193 13.00 -0.03 -24.88
N ILE A 194 13.84 -0.65 -24.05
CA ILE A 194 14.88 0.10 -23.26
C ILE A 194 16.30 -0.48 -23.53
N LYS A 195 17.28 0.43 -23.69
CA LYS A 195 18.67 0.09 -23.90
C LYS A 195 19.49 0.66 -22.76
N VAL A 196 20.46 -0.12 -22.30
CA VAL A 196 21.37 0.36 -21.31
C VAL A 196 22.57 1.00 -22.01
N ILE A 197 22.60 2.31 -22.15
CA ILE A 197 23.61 2.92 -23.05
C ILE A 197 24.94 3.25 -22.31
N GLU A 198 24.95 3.23 -20.96
CA GLU A 198 26.24 3.40 -20.24
C GLU A 198 26.25 2.50 -19.00
N GLY A 199 27.39 1.89 -18.71
CA GLY A 199 27.63 1.17 -17.46
C GLY A 199 27.22 -0.29 -17.53
N GLY A 200 26.71 -0.66 -18.71
CA GLY A 200 26.41 -2.03 -19.02
C GLY A 200 27.62 -2.96 -19.26
N PRO A 201 27.42 -4.28 -19.09
CA PRO A 201 26.26 -4.92 -18.54
C PRO A 201 26.12 -4.57 -17.07
N LEU A 202 24.88 -4.42 -16.62
CA LEU A 202 24.63 -4.03 -15.25
C LEU A 202 25.04 -5.21 -14.35
N PRO A 203 25.76 -4.92 -13.26
CA PRO A 203 26.05 -6.02 -12.31
C PRO A 203 24.87 -6.26 -11.35
N PHE A 204 23.68 -5.85 -11.74
CA PHE A 204 22.49 -6.10 -10.92
C PHE A 204 21.29 -6.38 -11.85
N ALA A 205 20.25 -6.92 -11.26
CA ALA A 205 19.06 -7.25 -12.02
C ALA A 205 18.30 -6.02 -12.54
N PHE A 206 18.03 -6.03 -13.86
CA PHE A 206 17.29 -4.94 -14.49
C PHE A 206 15.91 -4.77 -13.88
N ASP A 207 15.30 -5.89 -13.46
CA ASP A 207 13.97 -5.86 -12.84
C ASP A 207 13.83 -4.72 -11.79
N ILE A 208 14.89 -4.37 -11.06
CA ILE A 208 14.73 -3.33 -9.99
C ILE A 208 14.49 -1.92 -10.54
N LEU A 209 14.71 -1.76 -11.82
CA LEU A 209 14.48 -0.51 -12.52
C LEU A 209 13.18 -0.49 -13.27
N ALA A 210 12.50 -1.65 -13.36
CA ALA A 210 11.34 -1.83 -14.21
C ALA A 210 10.20 -0.84 -14.06
N THR A 211 9.91 -0.47 -12.84
CA THR A 211 8.82 0.42 -12.46
C THR A 211 9.26 1.85 -12.31
N SER A 212 10.50 2.18 -12.70
CA SER A 212 11.01 3.48 -12.52
C SER A 212 10.94 4.36 -13.78
N SER B 2 4.90 5.10 -15.36
CA SER B 2 4.38 5.68 -16.58
C SER B 2 2.88 5.81 -16.34
N ARG B 3 2.54 6.72 -15.44
CA ARG B 3 1.20 6.81 -14.84
C ARG B 3 0.06 7.26 -15.74
N THR B 4 0.42 7.85 -16.86
CA THR B 4 -0.54 8.37 -17.84
C THR B 4 -1.34 7.21 -18.50
N PHE B 5 -0.75 6.01 -18.50
CA PHE B 5 -1.38 4.84 -19.10
C PHE B 5 -2.00 3.95 -18.03
N ILE B 6 -2.92 4.51 -17.27
CA ILE B 6 -3.74 3.74 -16.36
C ILE B 6 -5.14 4.00 -16.79
N LYS B 7 -5.91 2.94 -17.00
CA LYS B 7 -7.32 3.08 -17.26
C LYS B 7 -8.02 3.53 -15.97
N TYR B 8 -8.51 4.75 -16.00
CA TYR B 8 -9.31 5.29 -14.94
C TYR B 8 -10.81 5.25 -15.26
N PRO B 9 -11.59 4.60 -14.42
CA PRO B 9 -13.04 4.63 -14.65
C PRO B 9 -13.57 6.06 -14.51
N LYS B 10 -14.70 6.35 -15.15
CA LYS B 10 -15.23 7.75 -15.15
C LYS B 10 -15.31 8.38 -13.76
N GLY B 11 -15.80 7.63 -12.81
CA GLY B 11 -16.02 8.13 -11.49
C GLY B 11 -14.79 8.33 -10.63
N ILE B 12 -13.60 7.93 -11.06
CA ILE B 12 -12.42 8.25 -10.29
C ILE B 12 -11.59 9.29 -11.04
N PRO B 13 -11.47 10.50 -10.47
CA PRO B 13 -10.63 11.50 -11.09
C PRO B 13 -9.24 10.97 -11.40
N ASP B 14 -8.75 11.29 -12.59
CA ASP B 14 -7.49 10.86 -13.13
C ASP B 14 -6.48 11.98 -12.92
N PHE B 15 -5.69 11.88 -11.89
CA PHE B 15 -4.72 12.92 -11.55
C PHE B 15 -3.71 13.18 -12.67
N PHE B 16 -3.33 12.14 -13.37
CA PHE B 16 -2.25 12.24 -14.33
C PHE B 16 -2.67 12.90 -15.65
N LYS B 17 -3.72 12.35 -16.26
CA LYS B 17 -4.28 12.93 -17.50
C LYS B 17 -4.71 14.40 -17.31
N GLN B 18 -5.28 14.71 -16.17
CA GLN B 18 -5.66 16.13 -15.91
C GLN B 18 -4.45 17.08 -15.84
N SER B 19 -3.24 16.59 -15.58
CA SER B 19 -2.14 17.50 -15.31
C SER B 19 -1.56 18.11 -16.60
N PHE B 20 -1.90 17.55 -17.74
CA PHE B 20 -1.42 18.11 -18.99
C PHE B 20 -2.08 19.44 -19.44
N PRO B 21 -1.34 20.30 -20.16
CA PRO B 21 -0.02 20.14 -20.78
C PRO B 21 1.24 20.15 -19.90
N GLU B 22 1.11 20.61 -18.67
CA GLU B 22 2.24 20.81 -17.79
C GLU B 22 2.86 19.46 -17.40
N GLY B 23 2.02 18.50 -17.09
CA GLY B 23 2.50 17.22 -16.63
C GLY B 23 2.69 17.16 -15.15
N PHE B 24 3.53 16.23 -14.74
CA PHE B 24 3.74 15.92 -13.32
C PHE B 24 5.11 15.31 -13.06
N THR B 25 5.44 15.29 -11.80
CA THR B 25 6.66 14.70 -11.33
C THR B 25 6.34 13.75 -10.19
N TRP B 26 7.33 12.94 -9.84
CA TRP B 26 7.27 12.11 -8.66
C TRP B 26 8.58 11.77 -8.04
N GLU B 27 8.51 11.49 -6.72
CA GLU B 27 9.64 11.08 -5.90
C GLU B 27 9.19 9.82 -5.18
N ARG B 28 10.11 8.86 -5.09
CA ARG B 28 9.76 7.54 -4.62
C ARG B 28 10.91 6.93 -3.78
N VAL B 29 10.54 6.22 -2.72
CA VAL B 29 11.53 5.52 -1.90
C VAL B 29 11.03 4.05 -1.86
N THR B 30 11.90 3.15 -2.27
CA THR B 30 11.67 1.71 -2.33
C THR B 30 12.57 0.95 -1.33
N ARG B 31 11.99 0.12 -0.47
CA ARG B 31 12.73 -0.74 0.46
C ARG B 31 12.47 -2.23 0.13
N TYR B 32 13.54 -2.98 -0.10
CA TYR B 32 13.46 -4.44 -0.30
C TYR B 32 13.61 -5.08 1.08
N GLU B 33 12.96 -6.23 1.31
CA GLU B 33 13.02 -6.89 2.63
C GLU B 33 14.35 -7.38 3.09
N ASP B 34 15.26 -7.56 2.14
CA ASP B 34 16.61 -7.91 2.45
C ASP B 34 17.55 -6.68 2.59
N GLY B 35 17.00 -5.47 2.70
CA GLY B 35 17.84 -4.30 3.00
C GLY B 35 18.19 -3.31 1.87
N GLY B 36 18.13 -3.71 0.60
CA GLY B 36 18.41 -2.77 -0.49
C GLY B 36 17.42 -1.59 -0.43
N VAL B 37 17.86 -0.37 -0.80
CA VAL B 37 17.02 0.82 -0.79
C VAL B 37 17.26 1.58 -2.08
N ILE B 38 16.20 2.04 -2.75
CA ILE B 38 16.39 2.81 -3.99
C ILE B 38 15.52 4.03 -3.92
N THR B 39 16.12 5.17 -4.19
CA THR B 39 15.43 6.45 -4.28
C THR B 39 15.34 6.83 -5.76
N VAL B 40 14.14 7.30 -6.17
CA VAL B 40 13.90 7.71 -7.56
C VAL B 40 13.18 9.08 -7.65
N MET B 41 13.63 9.89 -8.57
CA MET B 41 12.97 11.14 -8.91
C MET B 41 12.62 11.10 -10.40
N GLN B 42 11.45 11.57 -10.75
CA GLN B 42 11.05 11.48 -12.15
C GLN B 42 10.29 12.72 -12.57
N ASP B 43 10.51 13.11 -13.80
CA ASP B 43 9.68 14.14 -14.47
C ASP B 43 8.93 13.55 -15.70
N THR B 44 7.62 13.82 -15.81
CA THR B 44 6.83 13.46 -17.00
C THR B 44 6.35 14.74 -17.72
N SER B 45 6.72 14.90 -18.99
CA SER B 45 6.42 16.11 -19.74
C SER B 45 5.82 15.66 -21.06
N LEU B 46 5.26 16.62 -21.79
CA LEU B 46 4.61 16.42 -23.08
C LEU B 46 5.19 17.42 -24.04
N GLU B 47 5.89 16.94 -25.05
CA GLU B 47 6.61 17.80 -25.98
C GLU B 47 6.20 17.36 -27.36
N ASP B 48 5.54 18.25 -28.09
CA ASP B 48 5.19 18.00 -29.48
C ASP B 48 4.46 16.66 -29.62
N GLY B 49 3.46 16.46 -28.77
CA GLY B 49 2.57 15.33 -28.90
C GLY B 49 3.13 14.04 -28.32
N CYS B 50 4.38 14.06 -27.84
CA CYS B 50 5.05 12.88 -27.34
C CYS B 50 5.32 13.00 -25.86
N LEU B 51 5.13 11.91 -25.11
CA LEU B 51 5.40 11.98 -23.67
C LEU B 51 6.87 11.78 -23.43
N VAL B 52 7.45 12.53 -22.50
CA VAL B 52 8.88 12.47 -22.32
C VAL B 52 9.17 12.27 -20.87
N TYR B 53 9.92 11.22 -20.53
CA TYR B 53 10.24 10.93 -19.12
C TYR B 53 11.74 11.13 -18.78
N HIS B 54 12.05 11.74 -17.60
CA HIS B 54 13.40 11.71 -17.06
C HIS B 54 13.40 11.20 -15.68
N ALA B 55 14.23 10.17 -15.44
CA ALA B 55 14.34 9.51 -14.13
C ALA B 55 15.80 9.44 -13.64
N GLN B 56 15.98 9.73 -12.34
CA GLN B 56 17.21 9.60 -11.59
C GLN B 56 17.04 8.61 -10.46
N VAL B 57 17.88 7.58 -10.42
CA VAL B 57 17.79 6.51 -9.43
C VAL B 57 19.07 6.37 -8.57
N ARG B 58 18.90 6.06 -7.30
CA ARG B 58 20.03 5.81 -6.45
C ARG B 58 19.66 4.64 -5.52
N GLY B 59 20.24 3.47 -5.78
CA GLY B 59 20.12 2.30 -4.90
C GLY B 59 21.37 1.99 -4.14
N VAL B 60 21.22 1.67 -2.85
CA VAL B 60 22.33 1.25 -1.98
C VAL B 60 21.92 0.09 -1.06
N ASN B 61 22.93 -0.51 -0.41
CA ASN B 61 22.74 -1.52 0.62
CA ASN B 61 22.73 -1.52 0.62
C ASN B 61 22.14 -2.82 0.08
N PHE B 62 22.23 -3.08 -1.21
CA PHE B 62 21.78 -4.37 -1.74
C PHE B 62 22.79 -5.48 -1.41
N PRO B 63 22.33 -6.60 -0.80
CA PRO B 63 23.31 -7.59 -0.41
C PRO B 63 24.10 -8.16 -1.62
N SER B 64 25.41 -8.27 -1.45
CA SER B 64 26.31 -8.69 -2.53
C SER B 64 26.00 -10.09 -2.96
N ASN B 65 25.63 -10.89 -1.98
CA ASN B 65 25.18 -12.23 -2.28
C ASN B 65 23.71 -12.39 -2.53
N GLY B 66 22.93 -11.32 -2.55
CA GLY B 66 21.48 -11.50 -2.77
C GLY B 66 21.13 -11.68 -4.24
N ALA B 67 19.87 -11.97 -4.54
CA ALA B 67 19.39 -12.20 -5.90
C ALA B 67 19.51 -10.98 -6.86
N VAL B 68 19.34 -9.75 -6.37
CA VAL B 68 19.49 -8.58 -7.25
C VAL B 68 20.96 -8.46 -7.72
N MET B 69 21.91 -8.41 -6.79
CA MET B 69 23.32 -8.23 -7.20
C MET B 69 23.83 -9.47 -7.95
N GLN B 70 23.22 -10.64 -7.71
CA GLN B 70 23.68 -11.89 -8.39
C GLN B 70 22.89 -12.16 -9.69
N LYS B 71 21.96 -11.26 -10.00
CA LYS B 71 21.12 -11.36 -11.18
C LYS B 71 20.32 -12.69 -11.26
N LYS B 72 19.70 -13.06 -10.13
CA LYS B 72 18.91 -14.30 -10.03
C LYS B 72 17.44 -13.95 -9.87
N THR B 73 16.99 -12.90 -10.55
CA THR B 73 15.58 -12.53 -10.53
C THR B 73 14.86 -12.90 -11.82
N LYS B 74 13.54 -13.05 -11.73
CA LYS B 74 12.72 -13.57 -12.83
C LYS B 74 11.43 -12.77 -13.01
N GLY B 75 11.46 -11.47 -12.79
CA GLY B 75 10.34 -10.61 -13.10
C GLY B 75 9.40 -10.45 -11.92
N TRP B 76 8.41 -9.57 -12.10
CA TRP B 76 7.48 -9.21 -11.02
C TRP B 76 6.17 -9.93 -11.09
N GLU B 77 5.65 -10.27 -9.91
CA GLU B 77 4.31 -10.76 -9.79
C GLU B 77 3.38 -9.64 -10.17
N PRO B 78 2.13 -9.98 -10.61
CA PRO B 78 1.18 -8.91 -10.80
C PRO B 78 0.78 -8.25 -9.45
N THR B 79 0.19 -7.05 -9.53
CA THR B 79 -0.21 -6.32 -8.36
C THR B 79 -1.70 -6.18 -8.45
N ARG B 80 -2.43 -6.96 -7.69
CA ARG B 80 -3.87 -7.09 -7.86
C ARG B 80 -4.67 -7.17 -6.59
N ASP B 81 -4.06 -7.22 -5.41
CA ASP B 81 -4.78 -7.32 -4.16
C ASP B 81 -5.28 -5.89 -3.83
N GLN B 82 -6.38 -5.81 -3.13
CA GLN B 82 -6.95 -4.56 -2.71
C GLN B 82 -7.89 -4.82 -1.50
N LEU B 83 -8.44 -3.79 -0.91
CA LEU B 83 -9.45 -4.01 0.13
C LEU B 83 -10.79 -3.65 -0.51
N THR B 84 -11.89 -4.05 0.10
CA THR B 84 -13.17 -3.57 -0.36
C THR B 84 -13.55 -2.25 0.38
N GLU B 85 -14.58 -1.55 -0.14
CA GLU B 85 -15.18 -0.38 0.51
C GLU B 85 -15.68 -0.72 1.92
N GLU B 86 -16.45 -1.80 2.05
CA GLU B 86 -16.84 -2.35 3.37
C GLU B 86 -15.62 -2.55 4.31
N GLN B 87 -14.56 -3.23 3.85
CA GLN B 87 -13.32 -3.39 4.69
C GLN B 87 -12.65 -2.12 5.12
N ILE B 88 -12.52 -1.18 4.18
CA ILE B 88 -12.02 0.12 4.52
C ILE B 88 -12.92 0.78 5.55
N ALA B 89 -14.25 0.60 5.47
CA ALA B 89 -15.08 1.26 6.49
C ALA B 89 -14.92 0.55 7.85
N GLU B 90 -14.77 -0.77 7.83
CA GLU B 90 -14.49 -1.47 9.09
C GLU B 90 -13.17 -1.03 9.63
N PHE B 91 -12.14 -0.90 8.77
CA PHE B 91 -10.80 -0.56 9.28
C PHE B 91 -10.75 0.85 9.82
N LYS B 92 -11.60 1.74 9.30
CA LYS B 92 -11.70 3.09 9.88
C LYS B 92 -12.26 3.06 11.27
N GLU B 93 -13.30 2.27 11.49
CA GLU B 93 -13.84 2.10 12.85
C GLU B 93 -12.75 1.57 13.79
N ALA B 94 -11.96 0.59 13.36
CA ALA B 94 -10.86 0.06 14.19
C ALA B 94 -9.86 1.17 14.50
N PHE B 95 -9.46 1.89 13.45
CA PHE B 95 -8.42 2.90 13.52
C PHE B 95 -8.70 3.88 14.64
N SER B 96 -9.97 4.27 14.82
CA SER B 96 -10.41 5.24 15.83
C SER B 96 -10.21 4.72 17.24
N LEU B 97 -10.27 3.41 17.42
CA LEU B 97 -9.92 2.81 18.69
C LEU B 97 -8.48 3.20 19.03
N PHE B 98 -7.62 3.20 18.03
CA PHE B 98 -6.21 3.54 18.18
C PHE B 98 -6.02 5.05 18.19
N ASP B 99 -6.83 5.76 17.39
CA ASP B 99 -6.74 7.22 17.28
C ASP B 99 -7.70 7.96 18.24
N LYS B 100 -7.38 7.88 19.53
CA LYS B 100 -8.29 8.32 20.60
C LYS B 100 -8.37 9.86 20.70
N ASP B 101 -7.33 10.56 20.27
CA ASP B 101 -7.38 12.04 20.15
C ASP B 101 -8.12 12.50 18.88
N GLY B 102 -8.49 11.56 18.03
CA GLY B 102 -9.19 11.88 16.79
C GLY B 102 -8.45 12.81 15.85
N ASP B 103 -7.12 12.74 15.82
CA ASP B 103 -6.31 13.66 15.01
C ASP B 103 -6.05 13.22 13.54
N GLY B 104 -5.98 11.90 13.31
CA GLY B 104 -5.63 11.33 11.99
C GLY B 104 -4.39 10.44 11.93
N THR B 105 -3.71 10.28 13.08
CA THR B 105 -2.38 9.67 13.19
C THR B 105 -2.33 8.85 14.47
N ILE B 106 -1.65 7.70 14.43
CA ILE B 106 -1.51 6.82 15.59
C ILE B 106 -0.10 7.00 16.09
N THR B 107 0.02 7.65 17.24
CA THR B 107 1.30 7.88 17.86
C THR B 107 1.72 6.59 18.55
N THR B 108 2.97 6.52 19.01
CA THR B 108 3.50 5.29 19.64
C THR B 108 2.87 5.16 21.04
N LYS B 109 2.49 6.32 21.59
CA LYS B 109 1.70 6.46 22.80
C LYS B 109 0.31 5.76 22.68
N GLU B 110 -0.42 6.01 21.61
CA GLU B 110 -1.70 5.37 21.38
C GLU B 110 -1.61 3.85 21.10
N LEU B 111 -0.59 3.45 20.34
CA LEU B 111 -0.38 2.01 20.05
C LEU B 111 -0.06 1.26 21.35
N GLY B 112 0.75 1.85 22.22
CA GLY B 112 1.03 1.23 23.49
C GLY B 112 -0.18 1.06 24.43
N THR B 113 -1.14 1.97 24.36
CA THR B 113 -2.35 1.98 25.20
C THR B 113 -3.38 0.96 24.73
N VAL B 114 -3.50 0.85 23.41
CA VAL B 114 -4.28 -0.24 22.88
C VAL B 114 -3.60 -1.55 23.25
N MET B 115 -2.28 -1.67 23.04
CA MET B 115 -1.63 -2.94 23.32
C MET B 115 -1.74 -3.23 24.78
N ARG B 116 -1.61 -2.19 25.64
CA ARG B 116 -1.76 -2.33 27.10
C ARG B 116 -3.12 -2.83 27.49
N SER B 117 -4.19 -2.22 26.97
CA SER B 117 -5.53 -2.68 27.34
C SER B 117 -5.90 -4.02 26.66
N LEU B 118 -5.18 -4.40 25.60
CA LEU B 118 -5.24 -5.81 25.09
C LEU B 118 -4.10 -6.62 25.71
N GLY B 119 -3.53 -6.11 26.79
CA GLY B 119 -2.82 -6.96 27.73
C GLY B 119 -1.37 -7.11 27.43
N GLN B 120 -0.90 -6.42 26.40
CA GLN B 120 0.47 -6.57 25.97
C GLN B 120 1.38 -5.73 26.85
N ASN B 121 2.65 -6.12 26.91
CA ASN B 121 3.66 -5.50 27.78
C ASN B 121 4.89 -4.99 26.97
N PRO B 122 4.68 -4.14 25.92
CA PRO B 122 5.75 -3.85 24.92
C PRO B 122 6.58 -2.57 25.10
N THR B 123 7.87 -2.65 24.81
CA THR B 123 8.77 -1.52 24.98
C THR B 123 8.62 -0.47 23.88
N GLU B 124 9.37 0.62 24.02
CA GLU B 124 9.59 1.55 22.90
C GLU B 124 10.45 0.82 21.86
N ALA B 125 11.35 -0.01 22.38
CA ALA B 125 12.18 -0.92 21.59
C ALA B 125 11.33 -1.73 20.61
N GLU B 126 10.12 -2.10 21.01
CA GLU B 126 9.20 -2.84 20.15
C GLU B 126 8.17 -1.92 19.46
N LEU B 127 7.56 -0.98 20.20
CA LEU B 127 6.55 -0.05 19.62
C LEU B 127 7.10 0.79 18.44
N GLN B 128 8.42 1.02 18.45
CA GLN B 128 9.10 1.61 17.27
C GLN B 128 9.40 0.58 16.17
N ASP B 129 9.72 -0.67 16.50
CA ASP B 129 9.87 -1.73 15.47
C ASP B 129 8.57 -1.94 14.69
N MET B 130 7.50 -2.17 15.43
CA MET B 130 6.18 -2.35 14.84
C MET B 130 5.80 -1.16 13.94
N ILE B 131 5.91 0.06 14.48
CA ILE B 131 5.55 1.25 13.72
C ILE B 131 6.46 1.42 12.49
N ASN B 132 7.75 1.08 12.61
CA ASN B 132 8.65 1.15 11.45
C ASN B 132 8.36 0.12 10.33
N GLU B 133 7.73 -1.01 10.68
CA GLU B 133 7.43 -2.04 9.68
C GLU B 133 6.43 -1.56 8.65
N VAL B 134 5.62 -0.60 9.05
CA VAL B 134 4.57 -0.01 8.20
C VAL B 134 4.65 1.54 8.09
N ASP B 135 5.69 2.21 8.63
CA ASP B 135 5.81 3.68 8.49
C ASP B 135 6.38 3.95 7.12
N ALA B 136 5.51 4.04 6.13
CA ALA B 136 5.93 4.26 4.76
C ALA B 136 6.80 5.52 4.67
N ASP B 137 6.36 6.60 5.32
CA ASP B 137 6.98 7.90 5.15
C ASP B 137 7.94 8.32 6.28
N GLY B 138 8.06 7.49 7.31
CA GLY B 138 9.10 7.69 8.33
C GLY B 138 8.92 8.86 9.30
N ASP B 139 7.75 9.50 9.33
CA ASP B 139 7.50 10.57 10.31
C ASP B 139 7.54 10.01 11.75
N GLY B 140 7.10 8.77 11.93
CA GLY B 140 7.15 8.09 13.24
C GLY B 140 5.79 7.73 13.85
N THR B 141 4.73 7.91 13.07
CA THR B 141 3.36 7.63 13.50
C THR B 141 2.66 6.86 12.37
N ILE B 142 1.50 6.23 12.65
CA ILE B 142 0.75 5.53 11.63
C ILE B 142 -0.49 6.31 11.27
N ASP B 143 -0.58 6.84 10.05
CA ASP B 143 -1.84 7.43 9.56
C ASP B 143 -2.72 6.38 8.95
N PHE B 144 -3.89 6.81 8.46
CA PHE B 144 -4.90 5.85 8.02
C PHE B 144 -4.51 5.05 6.77
N PRO B 145 -3.85 5.69 5.79
CA PRO B 145 -3.47 4.83 4.64
C PRO B 145 -2.46 3.74 5.01
N GLU B 146 -1.52 4.07 5.87
CA GLU B 146 -0.53 3.10 6.33
C GLU B 146 -1.15 2.04 7.21
N PHE B 147 -2.22 2.39 7.90
CA PHE B 147 -2.98 1.42 8.72
C PHE B 147 -3.63 0.42 7.79
N LEU B 148 -4.15 0.93 6.68
CA LEU B 148 -4.78 0.05 5.68
C LEU B 148 -3.81 -1.03 5.15
N ILE B 149 -2.60 -0.60 4.84
CA ILE B 149 -1.59 -1.49 4.30
C ILE B 149 -1.28 -2.60 5.31
N MET B 150 -0.98 -2.17 6.54
CA MET B 150 -0.73 -3.06 7.66
C MET B 150 -1.85 -4.08 7.87
N MET B 151 -3.10 -3.60 7.90
CA MET B 151 -4.24 -4.52 8.02
C MET B 151 -4.34 -5.57 6.90
N ALA B 152 -4.07 -5.14 5.69
CA ALA B 152 -4.23 -6.02 4.57
C ALA B 152 -3.21 -7.18 4.70
N ARG B 153 -2.02 -6.85 5.20
CA ARG B 153 -0.93 -7.78 5.48
C ARG B 153 -1.21 -8.72 6.68
N LYS B 154 -2.22 -8.41 7.49
CA LYS B 154 -2.73 -9.27 8.56
C LYS B 154 -4.19 -9.68 8.31
N GLU B 161 -3.89 -18.40 16.12
CA GLU B 161 -4.60 -19.07 17.21
C GLU B 161 -4.02 -18.72 18.58
N GLU B 162 -2.70 -18.71 18.67
CA GLU B 162 -2.03 -18.51 19.94
C GLU B 162 -2.32 -17.10 20.48
N GLU B 163 -2.54 -16.14 19.59
CA GLU B 163 -2.78 -14.75 19.99
C GLU B 163 -4.28 -14.49 20.38
N ILE B 164 -5.21 -15.19 19.75
CA ILE B 164 -6.62 -15.15 20.18
C ILE B 164 -6.69 -15.70 21.61
N ARG B 165 -6.02 -16.82 21.86
CA ARG B 165 -5.96 -17.40 23.19
C ARG B 165 -5.51 -16.39 24.23
N GLU B 166 -4.50 -15.60 23.87
CA GLU B 166 -4.02 -14.54 24.74
C GLU B 166 -5.11 -13.50 24.92
N ALA B 167 -5.78 -13.11 23.84
CA ALA B 167 -6.85 -12.10 23.92
C ALA B 167 -7.94 -12.59 24.83
N PHE B 168 -8.32 -13.85 24.66
CA PHE B 168 -9.34 -14.43 25.53
C PHE B 168 -8.93 -14.39 26.99
N ARG B 169 -7.68 -14.75 27.31
CA ARG B 169 -7.21 -14.71 28.71
C ARG B 169 -7.27 -13.30 29.28
N VAL B 170 -7.13 -12.31 28.40
CA VAL B 170 -7.12 -10.89 28.81
C VAL B 170 -8.54 -10.43 29.06
N PHE B 171 -9.45 -10.78 28.15
CA PHE B 171 -10.86 -10.47 28.36
C PHE B 171 -11.37 -11.19 29.63
N ASP B 172 -11.05 -12.46 29.82
CA ASP B 172 -11.58 -13.21 30.95
C ASP B 172 -10.81 -12.88 32.24
N LYS B 173 -11.12 -11.72 32.83
CA LYS B 173 -10.28 -11.19 33.92
C LYS B 173 -10.09 -12.16 35.08
N ASP B 174 -11.17 -12.83 35.51
CA ASP B 174 -11.12 -13.74 36.67
C ASP B 174 -10.73 -15.21 36.33
N GLY B 175 -10.52 -15.49 35.04
CA GLY B 175 -9.97 -16.78 34.61
C GLY B 175 -10.90 -17.96 34.76
N ASN B 176 -12.20 -17.72 34.83
CA ASN B 176 -13.16 -18.82 35.01
C ASN B 176 -13.57 -19.47 33.68
N GLY B 177 -12.96 -19.09 32.56
CA GLY B 177 -13.32 -19.63 31.22
C GLY B 177 -14.48 -18.97 30.44
N TYR B 178 -14.99 -17.84 30.95
CA TYR B 178 -16.19 -17.19 30.39
C TYR B 178 -16.05 -15.68 30.50
N ILE B 179 -16.39 -14.96 29.43
CA ILE B 179 -16.34 -13.49 29.48
C ILE B 179 -17.74 -13.09 29.83
N SER B 180 -17.90 -12.48 31.00
CA SER B 180 -19.15 -11.83 31.38
C SER B 180 -19.38 -10.42 30.73
N ALA B 181 -20.58 -9.88 30.85
CA ALA B 181 -20.90 -8.53 30.39
C ALA B 181 -19.95 -7.50 31.06
N ALA B 182 -19.77 -7.63 32.37
CA ALA B 182 -18.90 -6.78 33.13
C ALA B 182 -17.43 -6.84 32.65
N GLU B 183 -16.90 -8.04 32.42
CA GLU B 183 -15.55 -8.19 31.80
C GLU B 183 -15.39 -7.50 30.42
N LEU B 184 -16.37 -7.76 29.54
CA LEU B 184 -16.39 -7.23 28.22
C LEU B 184 -16.51 -5.72 28.30
N ARG B 185 -17.42 -5.20 29.14
CA ARG B 185 -17.48 -3.73 29.30
C ARG B 185 -16.13 -3.09 29.72
N HIS B 186 -15.41 -3.75 30.58
CA HIS B 186 -14.14 -3.24 31.07
C HIS B 186 -13.13 -3.12 29.94
N VAL B 187 -12.97 -4.14 29.10
CA VAL B 187 -12.04 -4.09 27.96
C VAL B 187 -12.46 -3.10 26.94
N MET B 188 -13.71 -3.13 26.49
CA MET B 188 -14.17 -2.17 25.49
C MET B 188 -14.05 -0.73 25.95
N THR B 189 -14.31 -0.48 27.22
CA THR B 189 -14.12 0.83 27.80
C THR B 189 -12.66 1.25 27.72
N ASN B 190 -11.79 0.36 28.18
CA ASN B 190 -10.36 0.65 28.15
C ASN B 190 -9.88 0.83 26.73
N LEU B 191 -10.47 0.13 25.75
CA LEU B 191 -10.09 0.33 24.34
C LEU B 191 -10.50 1.74 23.83
N GLY B 192 -11.38 2.42 24.54
CA GLY B 192 -11.86 3.70 24.12
C GLY B 192 -13.15 3.61 23.34
N GLU B 193 -13.87 2.48 23.42
CA GLU B 193 -15.19 2.39 22.76
C GLU B 193 -16.25 3.19 23.54
N LYS B 194 -17.10 3.91 22.81
CA LYS B 194 -18.17 4.75 23.39
C LYS B 194 -19.42 3.90 23.19
N LEU B 195 -19.88 3.24 24.23
CA LEU B 195 -21.08 2.40 24.09
C LEU B 195 -21.79 2.19 25.45
N THR B 196 -23.11 2.05 25.36
CA THR B 196 -23.93 1.97 26.52
C THR B 196 -23.77 0.56 27.11
N ASP B 197 -24.22 0.39 28.33
CA ASP B 197 -24.25 -0.92 28.91
C ASP B 197 -25.17 -1.88 28.11
N GLU B 198 -26.27 -1.35 27.55
CA GLU B 198 -27.14 -2.10 26.64
C GLU B 198 -26.31 -2.63 25.47
N GLU B 199 -25.47 -1.78 24.93
CA GLU B 199 -24.66 -2.19 23.84
C GLU B 199 -23.66 -3.28 24.22
N VAL B 200 -23.13 -3.24 25.45
CA VAL B 200 -22.28 -4.34 25.90
C VAL B 200 -23.10 -5.62 25.89
N ASP B 201 -24.32 -5.57 26.40
CA ASP B 201 -25.13 -6.80 26.49
C ASP B 201 -25.47 -7.31 25.12
N GLU B 202 -25.70 -6.38 24.18
CA GLU B 202 -25.99 -6.77 22.82
C GLU B 202 -24.77 -7.49 22.21
N MET B 203 -23.56 -7.03 22.51
CA MET B 203 -22.34 -7.78 22.09
C MET B 203 -22.32 -9.20 22.68
N ILE B 204 -22.62 -9.31 23.96
CA ILE B 204 -22.67 -10.68 24.61
C ILE B 204 -23.68 -11.53 23.87
N ARG B 205 -24.85 -10.97 23.62
CA ARG B 205 -25.93 -11.73 22.96
C ARG B 205 -25.62 -12.21 21.54
N GLU B 206 -24.88 -11.38 20.83
CA GLU B 206 -24.41 -11.69 19.50
C GLU B 206 -23.49 -12.87 19.53
N ALA B 207 -22.58 -12.89 20.50
CA ALA B 207 -21.58 -13.96 20.65
C ALA B 207 -22.13 -15.25 21.25
N ASP B 208 -23.20 -15.14 22.05
CA ASP B 208 -23.62 -16.21 22.97
C ASP B 208 -24.54 -17.22 22.34
N ILE B 209 -23.96 -18.05 21.50
CA ILE B 209 -24.73 -19.13 20.83
C ILE B 209 -25.42 -20.13 21.78
N ASP B 210 -24.81 -20.41 22.92
CA ASP B 210 -25.42 -21.47 23.76
C ASP B 210 -26.34 -20.81 24.78
N GLY B 211 -26.49 -19.48 24.72
CA GLY B 211 -27.50 -18.82 25.53
C GLY B 211 -27.31 -18.94 27.04
N ASP B 212 -26.07 -19.05 27.52
CA ASP B 212 -25.87 -18.97 28.96
C ASP B 212 -25.53 -17.54 29.49
N GLY B 213 -25.72 -16.46 28.72
CA GLY B 213 -25.36 -15.11 29.23
C GLY B 213 -23.89 -14.68 29.26
N GLN B 214 -22.99 -15.52 28.76
CA GLN B 214 -21.55 -15.24 28.83
C GLN B 214 -20.88 -15.83 27.61
N VAL B 215 -19.62 -15.44 27.34
CA VAL B 215 -18.92 -15.88 26.13
C VAL B 215 -17.77 -16.83 26.47
N ASN B 216 -17.86 -18.08 26.00
CA ASN B 216 -16.75 -19.02 26.15
C ASN B 216 -15.74 -18.80 25.04
N TYR B 217 -14.64 -19.52 25.16
CA TYR B 217 -13.56 -19.44 24.23
C TYR B 217 -13.97 -19.65 22.76
N GLU B 218 -14.72 -20.71 22.49
CA GLU B 218 -15.09 -21.04 21.11
C GLU B 218 -16.00 -19.97 20.55
N GLU B 219 -16.90 -19.45 21.39
CA GLU B 219 -17.79 -18.34 21.02
C GLU B 219 -16.97 -17.06 20.71
N PHE B 220 -16.00 -16.80 21.57
CA PHE B 220 -15.06 -15.71 21.35
C PHE B 220 -14.35 -15.83 20.00
N VAL B 221 -13.84 -17.06 19.70
CA VAL B 221 -13.09 -17.32 18.44
C VAL B 221 -13.95 -16.99 17.23
N GLN B 222 -15.19 -17.43 17.30
CA GLN B 222 -16.10 -17.14 16.21
C GLN B 222 -16.31 -15.67 16.00
N MET B 223 -16.43 -14.87 17.07
CA MET B 223 -16.62 -13.39 16.89
C MET B 223 -15.38 -12.68 16.42
N MET B 224 -14.24 -13.26 16.74
CA MET B 224 -12.97 -12.56 16.62
C MET B 224 -12.28 -12.93 15.34
N THR B 225 -12.73 -14.01 14.69
CA THR B 225 -12.25 -14.50 13.43
C THR B 225 -13.47 -14.76 12.53
#